data_3W1P
#
_entry.id   3W1P
#
_cell.length_a   68.321
_cell.length_b   71.907
_cell.length_c   124.026
_cell.angle_alpha   90.00
_cell.angle_beta   90.00
_cell.angle_gamma   90.00
#
_symmetry.space_group_name_H-M   'P 21 21 21'
#
loop_
_entity.id
_entity.type
_entity.pdbx_description
1 polymer 'Dihydroorotate dehydrogenase (fumarate)'
2 non-polymer 'FLAVIN MONONUCLEOTIDE'
3 non-polymer 'COBALT HEXAMMINE(III)'
4 non-polymer '5-ethenyl-2,6-dioxo-1,2,3,6-tetrahydropyrimidine-4-carboxylic acid'
5 non-polymer GLYCEROL
6 water water
#
_entity_poly.entity_id   1
_entity_poly.type   'polypeptide(L)'
_entity_poly.pdbx_seq_one_letter_code
;MCLKLNLLDHVFANPFMNAAGVLCSTEEDLRCMTASSSGALVSKSCTSAPRDGNPEPRYMAFPLGSINSMGLPNLGFDFY
LKYASDLHDYSKKPLFLSISGLSVEENVAMVRRLAPVAQEKGVLLELNLSCPNVPGKPQVAYDFEAMRTYLQQVSLAYGL
PFGVKMPPYFDIAHFDTAAAVLNEFPLVKFVTCVNSVGNGLVIDAESESVVIKPKQGFGGLGGKYILPTALANVNAFYRR
CPDKLVFGCGGVYSGEDAFLHILAGASMVQVGTALQEEGPGIFTRLEDELLEIMARKGYRTLEEFRGRVKTIE
;
_entity_poly.pdbx_strand_id   A,B
#
# COMPACT_ATOMS: atom_id res chain seq x y z
N MET A 1 -29.57 -16.64 17.64
CA MET A 1 -28.16 -16.41 17.27
C MET A 1 -27.40 -15.17 17.75
N CYS A 2 -26.29 -15.45 18.41
CA CYS A 2 -25.42 -14.47 19.08
C CYS A 2 -23.96 -14.75 18.74
N LEU A 3 -23.14 -13.71 18.61
CA LEU A 3 -21.71 -13.80 18.19
C LEU A 3 -20.57 -13.88 19.23
N LYS A 4 -20.56 -14.86 20.13
CA LYS A 4 -19.61 -15.04 21.27
C LYS A 4 -18.17 -15.49 21.12
N LEU A 5 -17.21 -14.77 21.65
CA LEU A 5 -15.85 -15.26 21.72
C LEU A 5 -15.21 -15.18 23.11
N ASN A 6 -14.21 -16.03 23.39
CA ASN A 6 -13.45 -16.21 24.61
C ASN A 6 -12.06 -16.20 24.00
N LEU A 7 -11.39 -15.05 24.11
CA LEU A 7 -10.02 -14.89 23.59
C LEU A 7 -9.26 -14.26 24.74
N LEU A 8 -8.01 -14.63 24.92
CA LEU A 8 -7.11 -13.93 25.82
C LEU A 8 -7.69 -13.90 27.25
N ASP A 9 -8.42 -14.94 27.64
CA ASP A 9 -9.05 -15.04 28.95
C ASP A 9 -10.12 -14.00 29.19
N HIS A 10 -10.73 -13.52 28.12
CA HIS A 10 -11.78 -12.54 28.25
C HIS A 10 -12.90 -13.02 27.35
N VAL A 11 -14.08 -12.54 27.70
CA VAL A 11 -15.24 -12.81 26.95
C VAL A 11 -15.67 -11.59 26.21
N PHE A 12 -16.08 -11.80 24.97
CA PHE A 12 -16.54 -10.74 24.15
C PHE A 12 -17.91 -11.06 23.53
N ALA A 13 -18.81 -10.08 23.52
CA ALA A 13 -20.15 -10.30 22.92
C ALA A 13 -20.17 -10.34 21.38
N ASN A 14 -19.20 -9.68 20.73
CA ASN A 14 -19.09 -9.74 19.30
C ASN A 14 -17.65 -9.38 19.00
N PRO A 15 -17.20 -9.58 17.74
CA PRO A 15 -15.77 -9.39 17.46
C PRO A 15 -15.37 -7.90 17.11
N PHE A 16 -16.34 -7.01 17.13
CA PHE A 16 -16.09 -5.64 16.76
C PHE A 16 -15.53 -4.71 17.86
N MET A 17 -14.59 -3.86 17.46
CA MET A 17 -14.07 -2.77 18.27
C MET A 17 -13.62 -1.64 17.40
N ASN A 18 -13.34 -0.48 18.01
CA ASN A 18 -12.68 0.60 17.35
C ASN A 18 -11.25 0.21 17.04
N ALA A 19 -10.75 0.80 15.97
CA ALA A 19 -9.36 0.89 15.68
C ALA A 19 -8.67 1.92 16.59
N ALA A 20 -7.47 1.64 17.09
CA ALA A 20 -6.84 2.61 17.95
C ALA A 20 -6.77 3.98 17.25
N GLY A 21 -6.98 4.99 18.05
CA GLY A 21 -6.96 6.39 17.60
C GLY A 21 -8.30 6.94 17.13
N VAL A 22 -9.29 6.10 16.91
CA VAL A 22 -10.60 6.60 16.53
C VAL A 22 -11.52 6.47 17.71
N LEU A 23 -12.12 7.58 18.04
CA LEU A 23 -13.09 7.69 19.10
C LEU A 23 -12.55 7.11 20.45
N CYS A 24 -11.33 7.48 20.83
CA CYS A 24 -10.75 6.89 22.03
C CYS A 24 -9.72 7.74 22.77
N SER A 25 -9.73 9.03 22.53
CA SER A 25 -8.74 9.91 23.05
C SER A 25 -9.01 10.50 24.41
N THR A 26 -10.26 10.81 24.66
CA THR A 26 -10.62 11.51 25.81
C THR A 26 -11.53 10.58 26.64
N GLU A 27 -11.78 10.97 27.90
CA GLU A 27 -12.71 10.25 28.74
C GLU A 27 -14.12 10.12 28.08
N GLU A 28 -14.62 11.23 27.55
CA GLU A 28 -15.85 11.25 26.79
C GLU A 28 -15.87 10.24 25.67
N ASP A 29 -14.83 10.19 24.85
CA ASP A 29 -14.75 9.23 23.76
C ASP A 29 -14.86 7.78 24.28
N LEU A 30 -14.11 7.47 25.35
CA LEU A 30 -14.03 6.09 25.88
C LEU A 30 -15.33 5.66 26.50
N ARG A 31 -16.02 6.61 27.14
CA ARG A 31 -17.37 6.37 27.71
C ARG A 31 -18.35 6.12 26.59
N CYS A 32 -18.25 6.91 25.53
CA CYS A 32 -18.97 6.66 24.27
C CYS A 32 -18.76 5.26 23.63
N MET A 33 -17.51 4.87 23.35
CA MET A 33 -17.20 3.53 22.89
C MET A 33 -17.68 2.46 23.89
N THR A 34 -17.58 2.73 25.19
CA THR A 34 -18.05 1.76 26.18
C THR A 34 -19.54 1.61 26.06
N ALA A 35 -20.25 2.71 25.83
CA ALA A 35 -21.72 2.64 25.71
C ALA A 35 -22.25 2.10 24.35
N SER A 36 -21.38 2.08 23.32
CA SER A 36 -21.75 1.48 22.06
C SER A 36 -21.99 -0.05 22.17
N SER A 37 -22.44 -0.66 21.07
CA SER A 37 -22.62 -2.09 21.10
C SER A 37 -21.40 -2.83 20.60
N SER A 38 -20.27 -2.15 20.44
CA SER A 38 -18.99 -2.85 20.22
C SER A 38 -18.67 -3.92 21.25
N GLY A 39 -17.97 -4.93 20.77
CA GLY A 39 -17.50 -6.01 21.63
C GLY A 39 -16.36 -5.68 22.58
N ALA A 40 -15.59 -4.64 22.25
CA ALA A 40 -14.47 -4.18 23.03
C ALA A 40 -14.09 -2.73 22.61
N LEU A 41 -13.11 -2.14 23.32
CA LEU A 41 -12.52 -0.86 22.89
C LEU A 41 -11.05 -0.84 23.15
N VAL A 42 -10.38 0.05 22.41
CA VAL A 42 -8.93 0.29 22.58
C VAL A 42 -8.71 1.79 22.69
N SER A 43 -7.83 2.17 23.60
CA SER A 43 -7.55 3.56 23.84
C SER A 43 -6.60 4.10 22.75
N LYS A 44 -6.60 5.42 22.58
CA LYS A 44 -5.65 6.10 21.69
C LYS A 44 -4.24 5.74 22.10
N SER A 45 -3.35 5.52 21.12
CA SER A 45 -1.96 5.22 21.43
C SER A 45 -1.38 6.36 22.22
N CYS A 46 -0.68 6.02 23.32
CA CYS A 46 -0.22 7.10 24.17
C CYS A 46 1.31 7.16 24.33
N THR A 47 1.78 8.33 24.76
CA THR A 47 3.19 8.51 25.05
C THR A 47 3.26 8.87 26.54
N SER A 48 4.47 8.89 27.08
CA SER A 48 4.65 9.18 28.49
C SER A 48 4.06 10.48 28.86
N ALA A 49 4.28 11.51 28.05
CA ALA A 49 3.78 12.85 28.38
C ALA A 49 2.61 13.17 27.40
N PRO A 50 1.71 14.07 27.77
CA PRO A 50 0.67 14.51 26.85
C PRO A 50 1.30 15.13 25.60
N ARG A 51 0.58 15.13 24.47
CA ARG A 51 1.07 15.65 23.18
C ARG A 51 -0.12 16.33 22.49
N ASP A 52 0.12 17.49 21.89
CA ASP A 52 -0.90 18.18 21.09
C ASP A 52 -0.99 17.61 19.68
N GLY A 53 0.06 16.95 19.22
CA GLY A 53 0.06 16.41 17.87
C GLY A 53 0.40 17.47 16.82
N ASN A 54 0.15 17.12 15.57
CA ASN A 54 0.51 17.98 14.44
C ASN A 54 -0.49 19.15 14.20
N PRO A 55 -0.04 20.17 13.43
CA PRO A 55 -0.99 21.22 12.99
C PRO A 55 -2.19 20.74 12.12
N GLU A 56 -3.35 21.39 12.30
CA GLU A 56 -4.53 21.11 11.52
C GLU A 56 -4.48 21.87 10.21
N PRO A 57 -5.13 21.34 9.16
CA PRO A 57 -5.87 20.08 9.06
C PRO A 57 -4.93 18.86 9.07
N ARG A 58 -5.28 17.82 9.82
CA ARG A 58 -4.43 16.62 9.95
C ARG A 58 -5.17 15.29 9.68
N TYR A 59 -6.48 15.34 9.42
CA TYR A 59 -7.24 14.20 9.03
C TYR A 59 -8.17 14.69 7.92
N MET A 60 -8.39 13.90 6.89
CA MET A 60 -9.43 14.20 5.92
C MET A 60 -9.99 12.90 5.38
N ALA A 61 -11.29 12.90 5.10
CA ALA A 61 -11.98 11.73 4.62
C ALA A 61 -12.65 11.97 3.30
N PHE A 62 -12.76 10.92 2.51
CA PHE A 62 -13.21 10.95 1.12
C PHE A 62 -14.02 9.70 0.84
N PRO A 63 -14.72 9.63 -0.29
CA PRO A 63 -15.57 8.43 -0.53
C PRO A 63 -14.76 7.13 -0.41
N LEU A 64 -13.49 7.13 -0.83
CA LEU A 64 -12.72 5.88 -0.80
C LEU A 64 -11.87 5.70 0.46
N GLY A 65 -11.86 6.66 1.36
CA GLY A 65 -11.19 6.44 2.66
C GLY A 65 -10.70 7.71 3.27
N SER A 66 -9.57 7.66 4.00
CA SER A 66 -9.08 8.74 4.81
C SER A 66 -7.55 8.80 4.72
N ILE A 67 -7.04 10.00 4.99
CA ILE A 67 -5.60 10.23 5.15
C ILE A 67 -5.43 10.96 6.46
N ASN A 68 -4.41 10.60 7.24
CA ASN A 68 -4.19 11.32 8.47
C ASN A 68 -2.70 11.46 8.80
N SER A 69 -2.33 12.58 9.40
CA SER A 69 -1.03 12.67 10.03
C SER A 69 -1.26 13.35 11.34
N MET A 70 -1.91 12.60 12.26
CA MET A 70 -2.43 13.25 13.45
C MET A 70 -1.25 13.74 14.34
N GLY A 71 -0.15 13.00 14.30
CA GLY A 71 1.03 13.31 15.09
C GLY A 71 0.99 12.85 16.53
N LEU A 72 0.19 11.81 16.80
CA LEU A 72 0.13 11.17 18.12
C LEU A 72 -0.34 12.12 19.21
N PRO A 73 -1.38 12.90 18.93
CA PRO A 73 -1.99 13.67 19.99
C PRO A 73 -2.65 12.74 20.98
N ASN A 74 -2.41 12.94 22.27
CA ASN A 74 -3.03 12.12 23.30
C ASN A 74 -2.89 12.81 24.68
N LEU A 75 -3.71 12.34 25.63
CA LEU A 75 -3.72 12.92 26.92
C LEU A 75 -2.58 12.44 27.84
N GLY A 76 -1.71 11.58 27.35
CA GLY A 76 -0.59 11.12 28.12
C GLY A 76 -0.96 9.85 28.84
N PHE A 77 0.07 9.01 29.01
CA PHE A 77 -0.10 7.70 29.59
C PHE A 77 -0.76 7.76 30.98
N ASP A 78 -0.48 8.80 31.75
CA ASP A 78 -1.06 8.83 33.11
C ASP A 78 -2.58 8.76 33.04
N PHE A 79 -3.16 9.52 32.11
CA PHE A 79 -4.60 9.49 31.91
C PHE A 79 -5.16 8.12 31.49
N TYR A 80 -4.56 7.51 30.48
CA TYR A 80 -5.08 6.22 29.95
C TYR A 80 -4.94 5.12 30.97
N LEU A 81 -3.84 5.17 31.73
CA LEU A 81 -3.64 4.23 32.85
C LEU A 81 -4.73 4.39 33.89
N LYS A 82 -5.03 5.62 34.23
CA LYS A 82 -6.08 5.95 35.22
C LYS A 82 -7.45 5.61 34.73
N TYR A 83 -7.68 5.82 33.43
CA TYR A 83 -8.92 5.34 32.88
C TYR A 83 -9.04 3.80 33.07
N ALA A 84 -7.99 3.10 32.68
CA ALA A 84 -7.95 1.65 32.88
C ALA A 84 -8.09 1.20 34.34
N SER A 85 -7.44 1.89 35.25
CA SER A 85 -7.40 1.43 36.67
C SER A 85 -8.64 1.78 37.39
N ASP A 86 -9.22 2.97 37.16
CA ASP A 86 -10.31 3.50 37.96
C ASP A 86 -11.63 3.82 37.27
N LEU A 87 -11.65 4.07 35.98
CA LEU A 87 -12.88 4.61 35.38
C LEU A 87 -13.54 3.57 34.51
N HIS A 88 -12.78 2.71 33.83
CA HIS A 88 -13.46 1.76 32.94
C HIS A 88 -14.36 0.75 33.62
N ASP A 89 -15.56 0.53 33.07
CA ASP A 89 -16.45 -0.49 33.60
C ASP A 89 -16.19 -1.80 32.86
N TYR A 90 -15.43 -2.67 33.49
CA TYR A 90 -15.08 -3.92 32.87
C TYR A 90 -16.28 -4.86 32.71
N SER A 91 -17.38 -4.55 33.39
CA SER A 91 -18.52 -5.40 33.31
C SER A 91 -19.18 -5.19 31.91
N LYS A 92 -18.89 -4.08 31.26
CA LYS A 92 -19.48 -3.79 29.94
C LYS A 92 -18.75 -4.47 28.80
N LYS A 93 -17.41 -4.39 28.78
CA LYS A 93 -16.62 -5.05 27.70
C LYS A 93 -15.19 -4.92 28.10
N PRO A 94 -14.29 -5.71 27.49
CA PRO A 94 -12.86 -5.56 27.74
C PRO A 94 -12.28 -4.28 27.16
N LEU A 95 -11.16 -3.90 27.69
CA LEU A 95 -10.45 -2.76 27.28
C LEU A 95 -9.03 -3.11 26.92
N PHE A 96 -8.58 -2.60 25.78
CA PHE A 96 -7.22 -2.68 25.36
C PHE A 96 -6.60 -1.31 25.52
N LEU A 97 -5.33 -1.25 25.91
CA LEU A 97 -4.68 0.04 25.97
C LEU A 97 -3.49 0.05 24.97
N SER A 98 -3.46 1.05 24.10
CA SER A 98 -2.42 1.11 23.07
C SER A 98 -1.31 2.04 23.55
N ILE A 99 -0.09 1.57 23.49
CA ILE A 99 1.07 2.45 23.78
C ILE A 99 1.91 2.61 22.55
N SER A 100 2.45 3.83 22.40
CA SER A 100 3.29 4.16 21.28
C SER A 100 4.44 5.13 21.68
N GLY A 101 5.31 4.72 22.61
CA GLY A 101 6.45 5.54 22.97
C GLY A 101 7.38 5.74 21.77
N LEU A 102 8.11 6.84 21.78
CA LEU A 102 8.95 7.18 20.64
C LEU A 102 10.37 6.55 20.80
N SER A 103 10.51 5.62 21.74
CA SER A 103 11.78 4.93 21.90
C SER A 103 11.52 3.69 22.70
N VAL A 104 12.42 2.74 22.58
CA VAL A 104 12.30 1.53 23.38
C VAL A 104 12.23 1.90 24.87
N GLU A 105 13.05 2.86 25.32
CA GLU A 105 13.06 3.19 26.74
C GLU A 105 11.68 3.75 27.21
N GLU A 106 11.10 4.62 26.41
CA GLU A 106 9.76 5.17 26.76
C GLU A 106 8.71 4.06 26.85
N ASN A 107 8.64 3.17 25.88
CA ASN A 107 7.75 1.99 26.03
C ASN A 107 7.99 1.12 27.24
N VAL A 108 9.25 0.80 27.51
CA VAL A 108 9.56 0.01 28.69
C VAL A 108 9.06 0.73 29.97
N ALA A 109 9.29 2.04 30.06
CA ALA A 109 8.84 2.79 31.26
C ALA A 109 7.32 2.67 31.43
N MET A 110 6.58 2.84 30.33
CA MET A 110 5.12 2.67 30.39
C MET A 110 4.66 1.25 30.78
N VAL A 111 5.22 0.23 30.15
CA VAL A 111 4.70 -1.15 30.47
C VAL A 111 5.03 -1.57 31.91
N ARG A 112 6.14 -1.10 32.44
CA ARG A 112 6.41 -1.38 33.89
C ARG A 112 5.28 -0.89 34.76
N ARG A 113 4.73 0.29 34.47
CA ARG A 113 3.57 0.81 35.25
C ARG A 113 2.21 0.19 34.84
N LEU A 114 2.07 -0.19 33.57
CA LEU A 114 0.86 -0.86 33.18
C LEU A 114 0.73 -2.23 33.83
N ALA A 115 1.85 -2.95 33.99
CA ALA A 115 1.79 -4.33 34.49
C ALA A 115 0.87 -4.59 35.73
N PRO A 116 1.00 -3.79 36.81
CA PRO A 116 0.13 -3.99 37.96
C PRO A 116 -1.33 -3.81 37.67
N VAL A 117 -1.69 -2.87 36.77
CA VAL A 117 -3.11 -2.60 36.45
C VAL A 117 -3.61 -3.74 35.51
N ALA A 118 -2.77 -4.20 34.58
CA ALA A 118 -3.13 -5.42 33.81
C ALA A 118 -3.41 -6.61 34.77
N GLN A 119 -2.55 -6.78 35.76
CA GLN A 119 -2.72 -7.90 36.71
C GLN A 119 -4.03 -7.69 37.47
N GLU A 120 -4.29 -6.48 37.97
CA GLU A 120 -5.50 -6.24 38.78
C GLU A 120 -6.81 -6.22 37.97
N LYS A 121 -6.77 -5.60 36.81
CA LYS A 121 -8.01 -5.30 36.13
C LYS A 121 -8.23 -6.06 34.83
N GLY A 122 -7.17 -6.66 34.29
CA GLY A 122 -7.30 -7.40 33.04
C GLY A 122 -7.20 -6.53 31.75
N VAL A 123 -6.76 -5.27 31.86
CA VAL A 123 -6.61 -4.44 30.67
C VAL A 123 -5.57 -5.11 29.79
N LEU A 124 -5.76 -5.08 28.46
CA LEU A 124 -4.86 -5.75 27.50
C LEU A 124 -3.92 -4.80 26.76
N LEU A 125 -2.60 -5.06 26.73
CA LEU A 125 -1.72 -4.15 26.04
C LEU A 125 -1.72 -4.42 24.53
N GLU A 126 -1.87 -3.36 23.72
CA GLU A 126 -1.58 -3.37 22.28
C GLU A 126 -0.36 -2.41 22.05
N LEU A 127 0.80 -2.98 21.71
CA LEU A 127 2.02 -2.25 21.57
C LEU A 127 2.08 -1.84 20.13
N ASN A 128 2.11 -0.53 19.87
CA ASN A 128 2.09 -0.03 18.54
C ASN A 128 3.47 0.01 17.94
N LEU A 129 3.72 -0.78 16.91
CA LEU A 129 5.00 -0.79 16.17
C LEU A 129 5.02 -0.09 14.79
N SER A 130 3.99 0.68 14.58
CA SER A 130 3.62 1.01 13.26
C SER A 130 3.21 2.45 12.99
N CYS A 131 3.55 3.37 13.86
CA CYS A 131 3.15 4.76 13.59
C CYS A 131 3.95 5.37 12.42
N PRO A 132 3.25 5.79 11.35
CA PRO A 132 3.88 6.30 10.11
C PRO A 132 3.95 7.84 9.98
N ASN A 133 3.58 8.60 11.04
CA ASN A 133 3.33 10.08 10.99
C ASN A 133 4.17 11.06 11.88
N VAL A 134 5.15 10.50 12.56
CA VAL A 134 6.09 11.27 13.35
C VAL A 134 7.38 11.45 12.56
N PRO A 135 7.68 12.80 12.33
CA PRO A 135 8.80 12.99 11.42
C PRO A 135 10.05 12.65 12.11
N GLY A 136 10.84 11.88 11.39
CA GLY A 136 12.06 11.35 11.91
C GLY A 136 11.87 10.12 12.79
N LYS A 137 10.66 9.61 12.84
CA LYS A 137 10.46 8.34 13.55
C LYS A 137 9.73 7.27 12.71
N PRO A 138 10.55 6.68 11.71
CA PRO A 138 9.85 5.74 10.84
C PRO A 138 9.34 4.46 11.51
N GLN A 139 8.39 3.80 10.89
CA GLN A 139 7.71 2.68 11.47
C GLN A 139 8.76 1.63 12.01
N VAL A 140 8.69 1.34 13.30
CA VAL A 140 9.60 0.38 14.01
C VAL A 140 9.57 -1.02 13.36
N ALA A 141 8.38 -1.47 13.02
CA ALA A 141 8.27 -2.82 12.42
C ALA A 141 8.74 -2.97 10.94
N TYR A 142 9.25 -1.88 10.36
CA TYR A 142 9.94 -1.96 9.10
C TYR A 142 11.45 -2.06 9.29
N ASP A 143 11.87 -2.09 10.55
CA ASP A 143 13.28 -2.38 10.86
C ASP A 143 13.29 -3.59 11.80
N PHE A 144 13.52 -4.79 11.26
CA PHE A 144 13.44 -6.06 12.05
C PHE A 144 14.40 -6.16 13.21
N GLU A 145 15.60 -5.60 13.09
CA GLU A 145 16.47 -5.53 14.30
C GLU A 145 15.86 -4.61 15.40
N ALA A 146 15.37 -3.42 15.03
CA ALA A 146 14.69 -2.57 16.03
C ALA A 146 13.46 -3.29 16.59
N MET A 147 12.68 -3.94 15.71
CA MET A 147 11.46 -4.64 16.20
C MET A 147 11.76 -5.72 17.24
N ARG A 148 12.81 -6.47 16.98
CA ARG A 148 13.27 -7.49 17.91
C ARG A 148 13.67 -6.90 19.23
N THR A 149 14.40 -5.79 19.19
CA THR A 149 14.89 -5.15 20.42
C THR A 149 13.65 -4.72 21.21
N TYR A 150 12.65 -4.12 20.54
CA TYR A 150 11.47 -3.63 21.24
C TYR A 150 10.72 -4.77 21.90
N LEU A 151 10.51 -5.87 21.19
CA LEU A 151 9.78 -6.98 21.79
C LEU A 151 10.55 -7.71 22.88
N GLN A 152 11.89 -7.82 22.72
CA GLN A 152 12.71 -8.36 23.86
C GLN A 152 12.54 -7.53 25.14
N GLN A 153 12.78 -6.22 25.00
CA GLN A 153 12.78 -5.33 26.18
C GLN A 153 11.38 -5.20 26.83
N VAL A 154 10.32 -5.09 26.02
CA VAL A 154 8.93 -5.07 26.55
C VAL A 154 8.56 -6.38 27.16
N SER A 155 8.92 -7.50 26.52
CA SER A 155 8.57 -8.80 27.11
C SER A 155 9.16 -8.96 28.54
N LEU A 156 10.42 -8.58 28.63
CA LEU A 156 11.18 -8.68 29.93
C LEU A 156 10.58 -7.76 31.00
N ALA A 157 10.24 -6.55 30.62
CA ALA A 157 9.74 -5.53 31.56
C ALA A 157 8.29 -5.73 31.88
N TYR A 158 7.50 -6.27 30.96
CA TYR A 158 6.07 -6.38 31.15
C TYR A 158 5.71 -7.74 31.74
N GLY A 159 6.27 -8.81 31.15
CA GLY A 159 6.14 -10.17 31.69
C GLY A 159 4.74 -10.73 31.63
N LEU A 160 3.86 -10.08 30.90
CA LEU A 160 2.49 -10.55 30.74
C LEU A 160 2.09 -10.64 29.25
N PRO A 161 0.96 -11.31 28.94
CA PRO A 161 0.51 -11.40 27.52
C PRO A 161 0.21 -10.06 26.92
N PHE A 162 0.57 -9.84 25.67
CA PHE A 162 0.27 -8.59 24.99
C PHE A 162 0.12 -8.79 23.50
N GLY A 163 -0.21 -7.74 22.81
CA GLY A 163 -0.29 -7.81 21.35
C GLY A 163 0.46 -6.68 20.72
N VAL A 164 0.59 -6.76 19.39
CA VAL A 164 1.31 -5.77 18.63
C VAL A 164 0.46 -5.27 17.41
N LYS A 165 0.46 -3.97 17.21
CA LYS A 165 -0.16 -3.36 16.04
C LYS A 165 0.92 -3.20 14.96
N MET A 166 0.70 -3.86 13.82
CA MET A 166 1.71 -4.01 12.79
C MET A 166 1.40 -3.11 11.63
N PRO A 167 2.45 -2.67 10.93
CA PRO A 167 2.18 -1.96 9.73
C PRO A 167 1.91 -2.96 8.59
N PRO A 168 1.30 -2.52 7.48
CA PRO A 168 1.20 -3.49 6.39
C PRO A 168 2.53 -3.77 5.69
N TYR A 169 2.73 -5.01 5.28
CA TYR A 169 3.80 -5.36 4.38
C TYR A 169 3.22 -5.74 3.04
N PHE A 170 4.11 -5.78 2.07
CA PHE A 170 3.81 -5.93 0.68
C PHE A 170 4.75 -6.91 -0.05
N ASP A 171 5.49 -7.72 0.67
CA ASP A 171 6.58 -8.54 0.08
C ASP A 171 6.62 -9.83 0.92
N ILE A 172 6.67 -10.98 0.26
CA ILE A 172 6.53 -12.27 0.92
C ILE A 172 7.69 -12.49 1.85
N ALA A 173 8.86 -12.01 1.45
CA ALA A 173 10.02 -12.18 2.29
C ALA A 173 9.86 -11.43 3.61
N HIS A 174 9.23 -10.25 3.55
CA HIS A 174 8.96 -9.47 4.74
C HIS A 174 7.93 -10.10 5.64
N PHE A 175 6.90 -10.71 5.06
CA PHE A 175 5.96 -11.43 5.86
C PHE A 175 6.75 -12.56 6.60
N ASP A 176 7.57 -13.30 5.87
CA ASP A 176 8.26 -14.43 6.45
C ASP A 176 9.11 -13.93 7.65
N THR A 177 9.87 -12.86 7.45
CA THR A 177 10.78 -12.41 8.47
C THR A 177 10.01 -11.80 9.66
N ALA A 178 9.01 -10.96 9.37
CA ALA A 178 8.21 -10.33 10.42
C ALA A 178 7.51 -11.41 11.29
N ALA A 179 6.87 -12.39 10.66
CA ALA A 179 6.22 -13.44 11.44
C ALA A 179 7.20 -14.26 12.28
N ALA A 180 8.36 -14.54 11.71
CA ALA A 180 9.42 -15.26 12.45
C ALA A 180 9.93 -14.42 13.69
N VAL A 181 10.15 -13.11 13.52
CA VAL A 181 10.48 -12.25 14.67
C VAL A 181 9.37 -12.38 15.72
N LEU A 182 8.11 -12.24 15.33
CA LEU A 182 7.00 -12.28 16.30
C LEU A 182 6.99 -13.61 16.97
N ASN A 183 7.25 -14.64 16.21
CA ASN A 183 7.21 -16.02 16.78
C ASN A 183 8.30 -16.30 17.81
N GLU A 184 9.30 -15.44 17.90
CA GLU A 184 10.36 -15.60 18.90
C GLU A 184 9.79 -15.19 20.22
N PHE A 185 8.58 -14.59 20.27
CA PHE A 185 8.08 -14.04 21.56
C PHE A 185 6.80 -14.65 22.06
N PRO A 186 6.88 -15.55 23.05
CA PRO A 186 5.63 -16.24 23.43
C PRO A 186 4.64 -15.37 24.12
N LEU A 187 5.07 -14.22 24.65
CA LEU A 187 4.10 -13.31 25.33
C LEU A 187 3.23 -12.52 24.33
N VAL A 188 3.71 -12.45 23.09
CA VAL A 188 2.90 -11.81 22.05
C VAL A 188 1.81 -12.77 21.67
N LYS A 189 0.62 -12.54 22.18
CA LYS A 189 -0.49 -13.43 21.92
C LYS A 189 -1.42 -13.01 20.77
N PHE A 190 -1.36 -11.74 20.35
CA PHE A 190 -2.20 -11.28 19.24
C PHE A 190 -1.42 -10.29 18.38
N VAL A 191 -1.77 -10.28 17.10
CA VAL A 191 -1.09 -9.44 16.13
C VAL A 191 -2.20 -8.72 15.41
N THR A 192 -2.20 -7.39 15.43
CA THR A 192 -3.26 -6.62 14.81
C THR A 192 -2.78 -6.12 13.48
N CYS A 193 -3.47 -6.50 12.42
CA CYS A 193 -3.01 -6.21 11.05
C CYS A 193 -4.22 -5.49 10.40
N VAL A 194 -4.14 -4.24 10.02
CA VAL A 194 -2.99 -3.42 9.92
C VAL A 194 -3.25 -1.98 10.37
N ASN A 195 -2.15 -1.31 10.66
CA ASN A 195 -2.09 0.13 10.76
C ASN A 195 -2.28 0.72 9.34
N SER A 196 -2.40 2.04 9.29
CA SER A 196 -2.62 2.73 8.03
C SER A 196 -1.53 2.46 7.03
N VAL A 197 -1.92 2.48 5.75
CA VAL A 197 -0.95 2.38 4.69
C VAL A 197 -0.14 3.72 4.59
N GLY A 198 1.15 3.60 4.89
CA GLY A 198 1.92 4.79 5.25
C GLY A 198 2.22 5.70 4.10
N ASN A 199 2.26 6.99 4.41
CA ASN A 199 2.70 7.97 3.52
C ASN A 199 2.12 7.96 2.11
N GLY A 200 0.79 7.96 2.04
CA GLY A 200 0.08 8.38 0.85
C GLY A 200 -0.02 9.90 0.72
N LEU A 201 -0.54 10.33 -0.42
CA LEU A 201 -0.67 11.72 -0.70
C LEU A 201 -2.00 11.94 -1.45
N VAL A 202 -2.90 12.66 -0.81
CA VAL A 202 -4.14 13.15 -1.44
C VAL A 202 -4.01 14.58 -1.88
N ILE A 203 -4.39 14.79 -3.16
CA ILE A 203 -4.27 16.09 -3.73
C ILE A 203 -5.64 16.51 -4.21
N ASP A 204 -6.05 17.73 -3.83
CA ASP A 204 -7.27 18.30 -4.33
C ASP A 204 -7.09 18.98 -5.75
N ALA A 205 -7.75 18.44 -6.76
CA ALA A 205 -7.59 18.97 -8.08
C ALA A 205 -7.99 20.46 -8.26
N GLU A 206 -9.06 20.91 -7.62
CA GLU A 206 -9.51 22.30 -7.81
C GLU A 206 -8.51 23.30 -7.25
N SER A 207 -8.07 23.05 -6.01
CA SER A 207 -7.18 23.90 -5.32
C SER A 207 -5.70 23.63 -5.66
N GLU A 208 -5.41 22.48 -6.27
CA GLU A 208 -4.04 22.10 -6.62
C GLU A 208 -3.15 21.93 -5.37
N SER A 209 -3.76 21.55 -4.28
CA SER A 209 -3.17 21.56 -2.97
C SER A 209 -3.29 20.22 -2.32
N VAL A 210 -2.28 19.82 -1.56
CA VAL A 210 -2.48 18.71 -0.62
C VAL A 210 -3.58 19.06 0.38
N VAL A 211 -4.14 18.06 1.05
CA VAL A 211 -5.30 18.31 1.87
C VAL A 211 -5.04 18.21 3.38
N ILE A 212 -3.91 17.65 3.77
CA ILE A 212 -3.45 17.83 5.11
C ILE A 212 -2.16 18.70 5.15
N LYS A 213 -1.96 19.32 6.29
CA LYS A 213 -0.88 20.30 6.48
C LYS A 213 0.49 19.73 6.87
N PRO A 214 0.53 18.79 7.86
CA PRO A 214 1.85 18.23 8.23
C PRO A 214 2.52 17.40 7.10
N LYS A 215 3.86 17.30 7.16
CA LYS A 215 4.65 16.44 6.30
C LYS A 215 4.35 16.64 4.85
N GLN A 216 4.17 17.90 4.45
CA GLN A 216 3.94 18.24 3.05
C GLN A 216 2.76 17.44 2.42
N GLY A 217 1.80 17.10 3.28
CA GLY A 217 0.58 16.50 2.82
C GLY A 217 0.61 14.99 2.88
N PHE A 218 1.75 14.41 3.31
CA PHE A 218 1.90 12.97 3.37
C PHE A 218 1.30 12.42 4.66
N GLY A 219 0.57 11.32 4.59
CA GLY A 219 -0.12 10.73 5.74
C GLY A 219 -0.59 9.30 5.49
N GLY A 220 -1.01 8.64 6.55
CA GLY A 220 -1.46 7.28 6.52
C GLY A 220 -2.85 7.11 5.88
N LEU A 221 -2.99 6.10 5.01
CA LEU A 221 -4.24 5.81 4.36
C LEU A 221 -5.04 4.72 5.09
N GLY A 222 -6.32 5.03 5.22
CA GLY A 222 -7.28 4.07 5.76
C GLY A 222 -8.54 4.02 4.86
N GLY A 223 -9.43 3.06 5.16
CA GLY A 223 -10.71 2.94 4.41
C GLY A 223 -10.71 2.02 3.21
N LYS A 224 -11.54 2.32 2.22
CA LYS A 224 -11.71 1.39 1.09
C LYS A 224 -10.41 1.14 0.31
N TYR A 225 -9.56 2.14 0.27
CA TYR A 225 -8.28 1.97 -0.35
C TYR A 225 -7.49 0.74 0.13
N ILE A 226 -7.60 0.37 1.40
CA ILE A 226 -6.65 -0.57 1.97
C ILE A 226 -7.20 -1.98 2.25
N LEU A 227 -8.44 -2.27 1.89
CA LEU A 227 -9.06 -3.53 2.30
C LEU A 227 -8.29 -4.75 1.77
N PRO A 228 -7.96 -4.79 0.48
CA PRO A 228 -7.16 -5.95 0.05
C PRO A 228 -5.75 -6.09 0.68
N THR A 229 -5.10 -4.96 1.00
CA THR A 229 -3.84 -4.96 1.66
C THR A 229 -4.04 -5.52 3.07
N ALA A 230 -5.14 -5.11 3.70
CA ALA A 230 -5.43 -5.55 5.09
C ALA A 230 -5.73 -7.04 5.13
N LEU A 231 -6.58 -7.48 4.23
CA LEU A 231 -6.86 -8.93 4.10
C LEU A 231 -5.58 -9.73 3.89
N ALA A 232 -4.68 -9.23 3.02
CA ALA A 232 -3.46 -9.93 2.75
C ALA A 232 -2.65 -10.13 4.01
N ASN A 233 -2.53 -9.05 4.75
CA ASN A 233 -1.70 -9.11 5.91
C ASN A 233 -2.32 -9.98 6.97
N VAL A 234 -3.62 -9.86 7.20
CA VAL A 234 -4.29 -10.74 8.23
C VAL A 234 -4.03 -12.21 7.87
N ASN A 235 -4.21 -12.54 6.59
CA ASN A 235 -4.03 -13.91 6.15
C ASN A 235 -2.59 -14.36 6.23
N ALA A 236 -1.65 -13.48 5.82
CA ALA A 236 -0.22 -13.81 5.89
C ALA A 236 0.22 -14.19 7.28
N PHE A 237 -0.23 -13.41 8.27
CA PHE A 237 0.15 -13.61 9.64
C PHE A 237 -0.65 -14.75 10.24
N TYR A 238 -1.88 -14.97 9.77
CA TYR A 238 -2.70 -16.02 10.30
C TYR A 238 -2.04 -17.34 9.89
N ARG A 239 -1.54 -17.38 8.65
CA ARG A 239 -0.85 -18.57 8.20
C ARG A 239 0.48 -18.79 8.90
N ARG A 240 1.25 -17.74 9.16
CA ARG A 240 2.59 -17.86 9.69
C ARG A 240 2.65 -17.88 11.21
N CYS A 241 1.58 -17.49 11.89
CA CYS A 241 1.57 -17.46 13.37
C CYS A 241 0.47 -18.37 13.91
N PRO A 242 0.63 -19.69 13.70
CA PRO A 242 -0.46 -20.59 14.13
C PRO A 242 -0.77 -20.60 15.66
N ASP A 243 0.16 -20.18 16.50
CA ASP A 243 -0.08 -20.18 17.93
C ASP A 243 -0.43 -18.80 18.49
N LYS A 244 -0.74 -17.81 17.63
CA LYS A 244 -1.13 -16.48 18.06
C LYS A 244 -2.53 -16.17 17.48
N LEU A 245 -3.20 -15.18 18.05
CA LEU A 245 -4.41 -14.59 17.40
C LEU A 245 -4.05 -13.49 16.45
N VAL A 246 -4.81 -13.37 15.35
CA VAL A 246 -4.71 -12.23 14.44
C VAL A 246 -6.00 -11.37 14.61
N PHE A 247 -5.81 -10.08 14.88
CA PHE A 247 -6.93 -9.12 14.86
C PHE A 247 -6.84 -8.38 13.53
N GLY A 248 -7.97 -8.30 12.81
CA GLY A 248 -8.03 -7.58 11.56
C GLY A 248 -8.41 -6.11 11.70
N CYS A 249 -7.76 -5.26 10.91
CA CYS A 249 -8.10 -3.84 10.85
C CYS A 249 -7.75 -3.35 9.47
N GLY A 250 -8.66 -2.63 8.83
CA GLY A 250 -8.36 -1.99 7.54
C GLY A 250 -9.57 -2.17 6.61
N GLY A 251 -10.22 -1.07 6.27
CA GLY A 251 -11.24 -1.12 5.23
C GLY A 251 -12.59 -1.72 5.60
N VAL A 252 -12.92 -1.84 6.89
CA VAL A 252 -14.17 -2.37 7.30
C VAL A 252 -15.26 -1.31 7.30
N TYR A 253 -16.25 -1.48 6.44
CA TYR A 253 -17.44 -0.59 6.38
C TYR A 253 -18.75 -1.36 6.48
N SER A 254 -18.70 -2.70 6.36
CA SER A 254 -19.91 -3.52 6.33
C SER A 254 -19.64 -4.85 6.99
N GLY A 255 -20.74 -5.54 7.26
CA GLY A 255 -20.70 -6.91 7.79
C GLY A 255 -19.97 -7.82 6.84
N GLU A 256 -20.16 -7.59 5.54
CA GLU A 256 -19.46 -8.37 4.52
C GLU A 256 -17.93 -8.15 4.57
N ASP A 257 -17.51 -6.88 4.75
CA ASP A 257 -16.09 -6.60 4.92
C ASP A 257 -15.54 -7.36 6.13
N ALA A 258 -16.22 -7.30 7.28
CA ALA A 258 -15.84 -8.09 8.47
C ALA A 258 -15.87 -9.61 8.20
N PHE A 259 -16.82 -10.06 7.41
CA PHE A 259 -16.85 -11.52 7.04
C PHE A 259 -15.55 -11.90 6.32
N LEU A 260 -15.13 -11.07 5.37
CA LEU A 260 -13.88 -11.35 4.67
C LEU A 260 -12.66 -11.34 5.62
N HIS A 261 -12.57 -10.37 6.54
CA HIS A 261 -11.47 -10.35 7.51
C HIS A 261 -11.46 -11.66 8.31
N ILE A 262 -12.63 -12.14 8.69
CA ILE A 262 -12.71 -13.34 9.53
C ILE A 262 -12.34 -14.55 8.70
N LEU A 263 -12.84 -14.60 7.49
CA LEU A 263 -12.42 -15.68 6.60
C LEU A 263 -10.88 -15.73 6.43
N ALA A 264 -10.26 -14.56 6.36
CA ALA A 264 -8.82 -14.46 6.17
C ALA A 264 -8.07 -14.84 7.43
N GLY A 265 -8.76 -14.84 8.57
CA GLY A 265 -8.18 -15.28 9.85
C GLY A 265 -8.42 -14.46 11.11
N ALA A 266 -9.19 -13.38 10.98
CA ALA A 266 -9.33 -12.41 12.06
C ALA A 266 -10.19 -12.99 13.19
N SER A 267 -9.74 -12.77 14.41
CA SER A 267 -10.52 -13.07 15.61
C SER A 267 -11.33 -11.81 15.97
N MET A 268 -10.67 -10.72 16.23
CA MET A 268 -11.38 -9.45 16.44
C MET A 268 -11.26 -8.66 15.17
N VAL A 269 -12.23 -7.76 14.97
CA VAL A 269 -12.27 -6.92 13.76
C VAL A 269 -12.42 -5.46 14.20
N GLN A 270 -11.47 -4.65 13.80
CA GLN A 270 -11.37 -3.26 14.22
C GLN A 270 -11.81 -2.36 13.11
N VAL A 271 -12.41 -1.23 13.49
CA VAL A 271 -13.09 -0.33 12.58
C VAL A 271 -12.52 1.08 12.85
N GLY A 272 -11.83 1.63 11.88
CA GLY A 272 -11.28 2.97 12.00
C GLY A 272 -12.07 4.02 11.21
N THR A 273 -11.62 4.29 9.98
CA THR A 273 -12.20 5.29 9.11
C THR A 273 -13.74 5.25 9.10
N ALA A 274 -14.32 4.09 8.93
CA ALA A 274 -15.78 4.02 8.83
C ALA A 274 -16.49 4.47 10.10
N LEU A 275 -15.84 4.18 11.24
CA LEU A 275 -16.28 4.58 12.56
C LEU A 275 -16.09 6.10 12.78
N GLN A 276 -14.99 6.62 12.36
CA GLN A 276 -14.79 8.04 12.34
C GLN A 276 -15.89 8.82 11.52
N GLU A 277 -16.30 8.28 10.37
CA GLU A 277 -17.28 8.93 9.53
C GLU A 277 -18.72 8.68 9.92
N GLU A 278 -19.08 7.48 10.36
CA GLU A 278 -20.43 7.11 10.62
C GLU A 278 -20.77 7.29 12.07
N GLY A 279 -19.81 7.12 12.99
CA GLY A 279 -20.11 7.25 14.38
C GLY A 279 -20.45 5.85 14.95
N PRO A 280 -20.61 5.75 16.29
CA PRO A 280 -20.71 4.46 17.00
C PRO A 280 -21.96 3.61 16.73
N GLY A 281 -22.94 4.18 16.03
CA GLY A 281 -24.07 3.40 15.57
C GLY A 281 -23.69 2.36 14.55
N ILE A 282 -22.51 2.56 13.94
CA ILE A 282 -21.99 1.61 12.98
C ILE A 282 -21.94 0.22 13.57
N PHE A 283 -21.67 0.10 14.87
CA PHE A 283 -21.49 -1.19 15.46
C PHE A 283 -22.77 -2.04 15.43
N THR A 284 -23.95 -1.40 15.55
CA THR A 284 -25.16 -2.24 15.50
C THR A 284 -25.42 -2.72 14.08
N ARG A 285 -25.21 -1.85 13.12
CA ARG A 285 -25.32 -2.23 11.72
C ARG A 285 -24.32 -3.36 11.33
N LEU A 286 -23.07 -3.30 11.79
CA LEU A 286 -22.07 -4.26 11.39
C LEU A 286 -22.47 -5.61 11.94
N GLU A 287 -22.90 -5.63 13.18
CA GLU A 287 -23.36 -6.87 13.82
C GLU A 287 -24.54 -7.54 13.05
N ASP A 288 -25.53 -6.70 12.70
CA ASP A 288 -26.75 -7.15 12.03
C ASP A 288 -26.38 -7.72 10.68
N GLU A 289 -25.51 -7.02 9.95
CA GLU A 289 -25.12 -7.46 8.62
C GLU A 289 -24.29 -8.74 8.66
N LEU A 290 -23.35 -8.86 9.61
CA LEU A 290 -22.55 -10.07 9.75
C LEU A 290 -23.43 -11.28 10.10
N LEU A 291 -24.33 -11.08 11.08
CA LEU A 291 -25.32 -12.13 11.41
C LEU A 291 -26.18 -12.56 10.23
N GLU A 292 -26.58 -11.63 9.37
CA GLU A 292 -27.42 -11.93 8.24
C GLU A 292 -26.64 -12.78 7.16
N ILE A 293 -25.37 -12.41 6.88
CA ILE A 293 -24.54 -13.22 5.96
C ILE A 293 -24.35 -14.62 6.55
N MET A 294 -24.08 -14.72 7.87
CA MET A 294 -23.93 -16.02 8.50
C MET A 294 -25.18 -16.91 8.34
N ALA A 295 -26.34 -16.33 8.60
CA ALA A 295 -27.65 -17.03 8.46
C ALA A 295 -27.92 -17.52 7.01
N ARG A 296 -27.76 -16.66 6.05
CA ARG A 296 -27.87 -17.07 4.65
C ARG A 296 -26.90 -18.18 4.26
N LYS A 297 -25.71 -18.27 4.85
CA LYS A 297 -24.75 -19.30 4.48
C LYS A 297 -24.85 -20.51 5.39
N GLY A 298 -25.70 -20.45 6.44
CA GLY A 298 -25.80 -21.54 7.39
C GLY A 298 -24.70 -21.62 8.45
N TYR A 299 -23.92 -20.55 8.69
CA TYR A 299 -22.91 -20.61 9.71
C TYR A 299 -23.57 -20.21 11.02
N ARG A 300 -23.33 -20.95 12.09
CA ARG A 300 -23.82 -20.57 13.45
C ARG A 300 -22.76 -19.95 14.36
N THR A 301 -21.47 -20.10 14.00
CA THR A 301 -20.39 -19.63 14.85
C THR A 301 -19.33 -19.03 13.93
N LEU A 302 -18.52 -18.15 14.49
CA LEU A 302 -17.41 -17.58 13.75
C LEU A 302 -16.33 -18.64 13.51
N GLU A 303 -16.24 -19.55 14.47
CA GLU A 303 -15.18 -20.54 14.45
C GLU A 303 -15.31 -21.43 13.22
N GLU A 304 -16.53 -21.63 12.76
CA GLU A 304 -16.84 -22.46 11.60
C GLU A 304 -16.23 -21.88 10.33
N PHE A 305 -16.05 -20.54 10.24
CA PHE A 305 -15.40 -20.02 9.00
C PHE A 305 -14.13 -19.22 9.16
N ARG A 306 -13.68 -19.03 10.40
CA ARG A 306 -12.49 -18.22 10.62
C ARG A 306 -11.28 -18.90 10.02
N GLY A 307 -10.58 -18.13 9.19
CA GLY A 307 -9.42 -18.64 8.51
C GLY A 307 -9.66 -19.62 7.36
N ARG A 308 -10.93 -19.80 6.98
CA ARG A 308 -11.31 -20.85 6.01
C ARG A 308 -11.48 -20.29 4.55
N VAL A 309 -10.82 -19.16 4.28
CA VAL A 309 -10.73 -18.68 2.93
C VAL A 309 -10.24 -19.79 2.00
N LYS A 310 -10.90 -19.97 0.88
CA LYS A 310 -10.49 -21.04 -0.04
C LYS A 310 -9.49 -20.57 -1.03
N THR A 311 -8.52 -21.42 -1.36
CA THR A 311 -7.64 -21.14 -2.47
C THR A 311 -8.05 -21.98 -3.69
N ILE A 312 -7.55 -21.62 -4.85
CA ILE A 312 -7.93 -22.32 -6.09
C ILE A 312 -6.93 -23.43 -6.40
N GLU A 313 -7.45 -24.65 -6.41
CA GLU A 313 -6.80 -25.95 -6.74
C GLU A 313 -6.07 -26.59 -5.59
N MET B 1 -4.03 25.35 -26.87
CA MET B 1 -3.65 24.51 -25.69
C MET B 1 -2.99 23.20 -26.05
N CYS B 2 -2.06 22.75 -25.24
CA CYS B 2 -1.02 21.95 -25.81
C CYS B 2 -0.56 20.81 -24.89
N LEU B 3 -0.69 19.55 -25.32
CA LEU B 3 -0.24 18.42 -24.49
C LEU B 3 1.18 17.95 -24.81
N LYS B 4 1.83 18.64 -25.74
CA LYS B 4 3.13 18.17 -26.28
C LYS B 4 4.21 18.20 -25.24
N LEU B 5 5.16 17.25 -25.35
CA LEU B 5 6.33 17.24 -24.51
C LEU B 5 7.55 16.83 -25.31
N ASN B 6 8.69 17.35 -24.90
CA ASN B 6 9.98 17.09 -25.53
C ASN B 6 10.93 16.68 -24.40
N LEU B 7 11.15 15.38 -24.25
CA LEU B 7 12.09 14.88 -23.25
C LEU B 7 12.90 13.65 -23.69
N LEU B 8 13.98 13.38 -22.96
CA LEU B 8 14.91 12.33 -23.35
C LEU B 8 15.20 12.34 -24.87
N ASP B 9 15.31 13.52 -25.47
CA ASP B 9 15.56 13.67 -26.91
C ASP B 9 14.51 13.07 -27.82
N HIS B 10 13.28 13.01 -27.38
CA HIS B 10 12.16 12.52 -28.20
C HIS B 10 11.01 13.49 -27.99
N VAL B 11 10.15 13.55 -28.96
CA VAL B 11 8.99 14.42 -28.97
C VAL B 11 7.80 13.48 -28.79
N PHE B 12 6.91 13.88 -27.89
CA PHE B 12 5.69 13.14 -27.59
C PHE B 12 4.47 14.02 -27.85
N ALA B 13 3.48 13.44 -28.54
CA ALA B 13 2.28 14.19 -28.84
C ALA B 13 1.56 14.53 -27.51
N ASN B 14 1.75 13.72 -26.47
CA ASN B 14 1.00 13.86 -25.23
C ASN B 14 1.61 12.93 -24.25
N PRO B 15 1.24 13.05 -22.97
CA PRO B 15 2.05 12.36 -21.95
C PRO B 15 1.62 10.92 -21.68
N PHE B 16 0.56 10.48 -22.34
CA PHE B 16 -0.07 9.16 -22.02
C PHE B 16 0.61 8.00 -22.73
N MET B 17 0.73 6.92 -21.98
CA MET B 17 1.20 5.64 -22.53
C MET B 17 0.61 4.52 -21.72
N ASN B 18 0.73 3.28 -22.24
CA ASN B 18 0.36 2.12 -21.43
C ASN B 18 1.39 1.97 -20.32
N ALA B 19 0.95 1.35 -19.24
CA ALA B 19 1.82 0.79 -18.23
C ALA B 19 2.36 -0.54 -18.71
N ALA B 20 3.63 -0.82 -18.43
CA ALA B 20 4.22 -2.05 -18.85
C ALA B 20 3.35 -3.25 -18.36
N GLY B 21 3.13 -4.17 -19.29
CA GLY B 21 2.38 -5.35 -19.05
C GLY B 21 0.96 -5.26 -19.58
N VAL B 22 0.43 -4.08 -19.74
CA VAL B 22 -0.88 -3.90 -20.27
C VAL B 22 -0.82 -3.57 -21.79
N LEU B 23 -1.49 -4.42 -22.55
CA LEU B 23 -1.69 -4.31 -23.97
C LEU B 23 -0.34 -4.12 -24.71
N CYS B 24 0.63 -4.94 -24.37
CA CYS B 24 1.92 -4.82 -24.90
C CYS B 24 2.75 -6.10 -25.01
N SER B 25 2.11 -7.25 -24.99
CA SER B 25 2.79 -8.52 -25.04
C SER B 25 3.15 -9.09 -26.43
N THR B 26 2.28 -8.89 -27.37
CA THR B 26 2.35 -9.52 -28.64
C THR B 26 2.50 -8.46 -29.71
N GLU B 27 2.92 -8.90 -30.89
CA GLU B 27 3.04 -7.96 -31.98
C GLU B 27 1.70 -7.20 -32.22
N GLU B 28 0.59 -7.95 -32.10
CA GLU B 28 -0.71 -7.41 -32.28
C GLU B 28 -1.00 -6.30 -31.27
N ASP B 29 -0.74 -6.59 -30.00
CA ASP B 29 -0.87 -5.60 -28.89
C ASP B 29 -0.05 -4.34 -29.19
N LEU B 30 1.20 -4.52 -29.63
CA LEU B 30 2.08 -3.37 -29.88
C LEU B 30 1.63 -2.55 -31.07
N ARG B 31 1.13 -3.19 -32.10
CA ARG B 31 0.56 -2.46 -33.24
C ARG B 31 -0.67 -1.72 -32.78
N CYS B 32 -1.46 -2.31 -31.89
CA CYS B 32 -2.65 -1.65 -31.40
C CYS B 32 -2.28 -0.39 -30.58
N MET B 33 -1.32 -0.53 -29.66
CA MET B 33 -0.89 0.63 -28.88
C MET B 33 -0.32 1.65 -29.84
N THR B 34 0.32 1.23 -30.92
CA THR B 34 0.95 2.25 -31.80
C THR B 34 -0.16 3.00 -32.55
N ALA B 35 -1.20 2.27 -32.97
CA ALA B 35 -2.35 2.86 -33.66
C ALA B 35 -3.27 3.73 -32.74
N SER B 36 -3.14 3.58 -31.42
CA SER B 36 -3.91 4.41 -30.50
C SER B 36 -3.42 5.85 -30.50
N SER B 37 -4.12 6.69 -29.71
CA SER B 37 -3.73 8.09 -29.57
C SER B 37 -2.71 8.34 -28.51
N SER B 38 -2.25 7.28 -27.83
CA SER B 38 -1.19 7.45 -26.83
C SER B 38 0.01 8.19 -27.39
N GLY B 39 0.69 8.85 -26.48
CA GLY B 39 1.95 9.54 -26.77
C GLY B 39 3.12 8.64 -26.95
N ALA B 40 3.09 7.46 -26.32
CA ALA B 40 4.14 6.51 -26.41
C ALA B 40 3.59 5.13 -26.08
N LEU B 41 4.48 4.14 -26.13
CA LEU B 41 4.16 2.81 -25.62
C LEU B 41 5.39 2.15 -25.02
N VAL B 42 5.14 1.13 -24.20
CA VAL B 42 6.18 0.34 -23.54
C VAL B 42 5.82 -1.12 -23.71
N SER B 43 6.83 -1.92 -24.07
CA SER B 43 6.59 -3.36 -24.24
C SER B 43 6.53 -4.10 -22.87
N LYS B 44 5.88 -5.26 -22.87
CA LYS B 44 5.81 -6.16 -21.76
C LYS B 44 7.19 -6.43 -21.19
N SER B 45 7.32 -6.44 -19.88
CA SER B 45 8.63 -6.75 -19.27
C SER B 45 9.06 -8.10 -19.76
N CYS B 46 10.32 -8.23 -20.22
CA CYS B 46 10.74 -9.49 -20.81
C CYS B 46 11.89 -10.19 -20.08
N THR B 47 12.00 -11.49 -20.34
CA THR B 47 13.09 -12.30 -19.84
C THR B 47 13.85 -12.81 -21.06
N SER B 48 15.04 -13.36 -20.84
CA SER B 48 15.84 -13.81 -21.94
C SER B 48 15.08 -14.87 -22.69
N ALA B 49 14.55 -15.83 -21.96
CA ALA B 49 13.75 -16.87 -22.58
C ALA B 49 12.22 -16.52 -22.51
N PRO B 50 11.44 -16.97 -23.51
CA PRO B 50 9.98 -16.89 -23.42
C PRO B 50 9.44 -17.55 -22.14
N ARG B 51 8.31 -17.06 -21.61
CA ARG B 51 7.69 -17.60 -20.41
C ARG B 51 6.16 -17.67 -20.56
N ASP B 52 5.57 -18.73 -20.06
CA ASP B 52 4.12 -18.97 -20.14
C ASP B 52 3.48 -18.20 -19.02
N GLY B 53 4.23 -17.92 -17.95
CA GLY B 53 3.66 -17.33 -16.74
C GLY B 53 2.85 -18.30 -15.93
N ASN B 54 2.09 -17.75 -15.01
CA ASN B 54 1.31 -18.48 -14.03
C ASN B 54 0.00 -19.11 -14.55
N PRO B 55 -0.49 -20.11 -13.84
CA PRO B 55 -1.81 -20.65 -14.23
C PRO B 55 -2.98 -19.58 -14.09
N GLU B 56 -4.04 -19.73 -14.88
CA GLU B 56 -5.21 -18.89 -14.80
C GLU B 56 -6.25 -19.43 -13.79
N PRO B 57 -7.09 -18.54 -13.23
CA PRO B 57 -7.12 -17.08 -13.37
C PRO B 57 -5.93 -16.41 -12.68
N ARG B 58 -5.30 -15.44 -13.35
CA ARG B 58 -4.14 -14.74 -12.81
C ARG B 58 -4.29 -13.19 -12.85
N TYR B 59 -5.40 -12.68 -13.37
CA TYR B 59 -5.73 -11.27 -13.29
C TYR B 59 -7.20 -11.15 -13.06
N MET B 60 -7.65 -10.24 -12.20
CA MET B 60 -9.09 -9.98 -12.05
C MET B 60 -9.28 -8.53 -11.73
N ALA B 61 -10.33 -7.98 -12.25
CA ALA B 61 -10.63 -6.57 -12.05
C ALA B 61 -11.99 -6.38 -11.41
N PHE B 62 -12.16 -5.25 -10.75
CA PHE B 62 -13.29 -4.97 -9.86
C PHE B 62 -13.51 -3.44 -9.96
N PRO B 63 -14.58 -2.91 -9.37
CA PRO B 63 -14.79 -1.48 -9.54
C PRO B 63 -13.67 -0.58 -9.00
N LEU B 64 -12.98 -1.02 -7.96
CA LEU B 64 -11.97 -0.21 -7.36
C LEU B 64 -10.57 -0.58 -7.83
N GLY B 65 -10.44 -1.56 -8.70
CA GLY B 65 -9.14 -1.85 -9.31
C GLY B 65 -8.92 -3.28 -9.73
N SER B 66 -7.65 -3.70 -9.69
CA SER B 66 -7.21 -5.03 -10.15
C SER B 66 -6.21 -5.69 -9.22
N ILE B 67 -6.17 -7.00 -9.32
CA ILE B 67 -5.16 -7.81 -8.72
C ILE B 67 -4.56 -8.73 -9.80
N ASN B 68 -3.23 -8.91 -9.79
CA ASN B 68 -2.63 -9.82 -10.73
C ASN B 68 -1.44 -10.54 -10.16
N SER B 69 -1.28 -11.81 -10.59
CA SER B 69 -0.06 -12.51 -10.42
C SER B 69 0.24 -13.22 -11.68
N MET B 70 0.60 -12.42 -12.69
CA MET B 70 0.71 -12.93 -14.03
C MET B 70 1.84 -13.92 -14.13
N GLY B 71 2.94 -13.64 -13.43
CA GLY B 71 4.07 -14.57 -13.41
C GLY B 71 5.02 -14.32 -14.60
N LEU B 72 5.03 -13.08 -15.09
CA LEU B 72 5.99 -12.66 -16.11
C LEU B 72 5.87 -13.45 -17.43
N PRO B 73 4.63 -13.67 -17.93
CA PRO B 73 4.50 -14.21 -19.28
C PRO B 73 4.99 -13.24 -20.31
N ASN B 74 5.76 -13.71 -21.24
CA ASN B 74 6.24 -12.82 -22.26
C ASN B 74 6.83 -13.64 -23.39
N LEU B 75 6.95 -13.01 -24.55
CA LEU B 75 7.44 -13.72 -25.74
C LEU B 75 8.99 -13.87 -25.80
N GLY B 76 9.68 -13.35 -24.81
CA GLY B 76 11.17 -13.38 -24.73
C GLY B 76 11.80 -12.18 -25.35
N PHE B 77 13.00 -11.92 -24.88
CA PHE B 77 13.78 -10.76 -25.27
C PHE B 77 14.06 -10.72 -26.77
N ASP B 78 14.24 -11.88 -27.39
CA ASP B 78 14.56 -11.93 -28.81
C ASP B 78 13.43 -11.29 -29.60
N PHE B 79 12.20 -11.53 -29.18
CA PHE B 79 11.06 -10.94 -29.84
C PHE B 79 10.97 -9.41 -29.66
N TYR B 80 11.06 -8.94 -28.44
CA TYR B 80 10.88 -7.44 -28.18
C TYR B 80 12.01 -6.65 -28.83
N LEU B 81 13.19 -7.26 -28.86
CA LEU B 81 14.33 -6.64 -29.50
C LEU B 81 14.11 -6.52 -30.98
N LYS B 82 13.57 -7.58 -31.59
CA LYS B 82 13.29 -7.56 -33.01
C LYS B 82 12.22 -6.53 -33.30
N TYR B 83 11.22 -6.50 -32.41
CA TYR B 83 10.14 -5.51 -32.55
C TYR B 83 10.75 -4.10 -32.58
N ALA B 84 11.61 -3.78 -31.60
CA ALA B 84 12.28 -2.48 -31.55
C ALA B 84 13.17 -2.22 -32.78
N SER B 85 13.82 -3.27 -33.26
CA SER B 85 14.79 -3.18 -34.32
C SER B 85 14.21 -3.08 -35.73
N ASP B 86 13.18 -3.86 -36.02
CA ASP B 86 12.68 -4.02 -37.36
C ASP B 86 11.23 -3.70 -37.57
N LEU B 87 10.43 -3.71 -36.51
CA LEU B 87 8.98 -3.67 -36.70
C LEU B 87 8.35 -2.33 -36.31
N HIS B 88 8.80 -1.74 -35.20
CA HIS B 88 8.14 -0.51 -34.69
C HIS B 88 8.27 0.69 -35.63
N ASP B 89 7.14 1.35 -35.89
CA ASP B 89 7.22 2.61 -36.60
C ASP B 89 7.48 3.79 -35.62
N TYR B 90 8.71 4.20 -35.59
CA TYR B 90 9.17 5.33 -34.78
C TYR B 90 8.62 6.67 -35.24
N SER B 91 8.18 6.78 -36.49
CA SER B 91 7.51 8.04 -36.91
C SER B 91 6.10 8.21 -36.26
N LYS B 92 5.54 7.14 -35.73
CA LYS B 92 4.24 7.20 -35.03
C LYS B 92 4.37 7.69 -33.60
N LYS B 93 5.26 7.07 -32.83
CA LYS B 93 5.52 7.51 -31.50
C LYS B 93 6.75 6.80 -30.94
N PRO B 94 7.28 7.30 -29.83
CA PRO B 94 8.45 6.65 -29.24
C PRO B 94 8.03 5.38 -28.54
N LEU B 95 9.01 4.50 -28.42
CA LEU B 95 8.90 3.16 -27.87
C LEU B 95 9.87 2.99 -26.73
N PHE B 96 9.33 2.53 -25.59
CA PHE B 96 10.11 2.00 -24.48
C PHE B 96 10.08 0.49 -24.44
N LEU B 97 11.15 -0.10 -23.98
CA LEU B 97 11.24 -1.53 -23.88
C LEU B 97 11.58 -1.82 -22.44
N SER B 98 10.77 -2.65 -21.79
CA SER B 98 10.93 -2.97 -20.35
C SER B 98 11.57 -4.30 -20.25
N ILE B 99 12.59 -4.38 -19.41
CA ILE B 99 13.21 -5.67 -19.14
C ILE B 99 13.12 -5.99 -17.68
N SER B 100 12.93 -7.27 -17.41
CA SER B 100 12.84 -7.77 -16.06
C SER B 100 13.47 -9.18 -15.87
N GLY B 101 14.77 -9.29 -16.09
CA GLY B 101 15.43 -10.58 -15.88
C GLY B 101 15.43 -10.97 -14.42
N LEU B 102 15.52 -12.26 -14.17
CA LEU B 102 15.36 -12.78 -12.79
C LEU B 102 16.65 -12.70 -11.92
N SER B 103 17.68 -12.06 -12.43
CA SER B 103 18.98 -11.98 -11.74
C SER B 103 19.71 -10.92 -12.48
N VAL B 104 20.71 -10.38 -11.83
CA VAL B 104 21.50 -9.31 -12.44
C VAL B 104 22.13 -9.73 -13.75
N GLU B 105 22.60 -10.97 -13.77
CA GLU B 105 23.34 -11.49 -14.96
C GLU B 105 22.43 -11.53 -16.17
N GLU B 106 21.23 -12.01 -15.96
CA GLU B 106 20.26 -12.03 -17.10
C GLU B 106 19.98 -10.62 -17.61
N ASN B 107 19.80 -9.68 -16.68
CA ASN B 107 19.61 -8.29 -17.09
C ASN B 107 20.78 -7.76 -17.88
N VAL B 108 21.99 -8.07 -17.40
CA VAL B 108 23.17 -7.53 -18.00
C VAL B 108 23.27 -8.12 -19.42
N ALA B 109 23.00 -9.42 -19.54
CA ALA B 109 23.02 -10.07 -20.85
C ALA B 109 22.08 -9.39 -21.84
N MET B 110 20.85 -9.03 -21.37
CA MET B 110 19.94 -8.34 -22.26
C MET B 110 20.39 -6.95 -22.62
N VAL B 111 20.82 -6.18 -21.64
CA VAL B 111 21.15 -4.81 -22.01
C VAL B 111 22.36 -4.67 -22.94
N ARG B 112 23.26 -5.64 -22.81
CA ARG B 112 24.42 -5.67 -23.75
C ARG B 112 23.93 -5.74 -25.18
N ARG B 113 22.88 -6.53 -25.44
CA ARG B 113 22.30 -6.64 -26.79
C ARG B 113 21.36 -5.52 -27.20
N LEU B 114 20.68 -4.93 -26.21
CA LEU B 114 19.82 -3.80 -26.51
C LEU B 114 20.61 -2.56 -26.96
N ALA B 115 21.81 -2.40 -26.41
CA ALA B 115 22.55 -1.15 -26.60
C ALA B 115 22.70 -0.66 -28.08
N PRO B 116 23.15 -1.55 -28.99
CA PRO B 116 23.25 -1.10 -30.37
C PRO B 116 21.90 -0.73 -30.98
N VAL B 117 20.83 -1.41 -30.57
CA VAL B 117 19.46 -1.08 -31.08
C VAL B 117 19.00 0.29 -30.57
N ALA B 118 19.20 0.52 -29.28
CA ALA B 118 18.95 1.84 -28.66
C ALA B 118 19.72 2.93 -29.34
N GLN B 119 21.00 2.69 -29.57
CA GLN B 119 21.81 3.68 -30.32
C GLN B 119 21.24 3.94 -31.68
N GLU B 120 20.99 2.88 -32.41
CA GLU B 120 20.51 3.03 -33.80
C GLU B 120 19.06 3.55 -33.90
N LYS B 121 18.15 2.99 -33.09
CA LYS B 121 16.71 3.33 -33.24
C LYS B 121 16.08 4.37 -32.30
N GLY B 122 16.64 4.51 -31.14
CA GLY B 122 16.17 5.47 -30.18
C GLY B 122 15.20 4.82 -29.17
N VAL B 123 14.98 3.50 -29.25
CA VAL B 123 14.25 2.78 -28.21
C VAL B 123 14.82 3.12 -26.83
N LEU B 124 13.93 3.34 -25.86
CA LEU B 124 14.32 3.66 -24.46
C LEU B 124 14.12 2.52 -23.51
N LEU B 125 15.14 2.23 -22.70
CA LEU B 125 15.05 1.15 -21.73
C LEU B 125 14.34 1.58 -20.43
N GLU B 126 13.39 0.74 -19.97
CA GLU B 126 12.80 0.78 -18.63
C GLU B 126 13.22 -0.48 -17.93
N LEU B 127 14.02 -0.36 -16.88
CA LEU B 127 14.49 -1.52 -16.18
C LEU B 127 13.59 -1.76 -15.01
N ASN B 128 13.00 -2.93 -14.94
CA ASN B 128 12.01 -3.22 -13.92
C ASN B 128 12.73 -3.74 -12.72
N LEU B 129 12.68 -2.98 -11.63
CA LEU B 129 13.23 -3.50 -10.37
C LEU B 129 12.17 -3.83 -9.33
N SER B 130 10.96 -4.12 -9.78
CA SER B 130 9.87 -4.23 -8.83
C SER B 130 8.87 -5.34 -9.05
N CYS B 131 9.18 -6.36 -9.81
CA CYS B 131 8.20 -7.50 -9.92
C CYS B 131 7.76 -8.12 -8.55
N PRO B 132 6.45 -8.01 -8.14
CA PRO B 132 6.10 -8.55 -6.78
C PRO B 132 5.57 -10.01 -6.71
N ASN B 133 5.47 -10.65 -7.91
CA ASN B 133 4.69 -11.93 -8.18
C ASN B 133 5.41 -13.24 -8.59
N VAL B 134 6.74 -13.18 -8.58
CA VAL B 134 7.60 -14.33 -8.71
C VAL B 134 7.89 -14.85 -7.27
N PRO B 135 7.45 -16.15 -7.00
CA PRO B 135 7.97 -16.70 -5.73
C PRO B 135 9.52 -16.87 -5.58
N GLY B 136 9.99 -16.54 -4.40
CA GLY B 136 11.41 -16.56 -4.14
C GLY B 136 12.15 -15.40 -4.77
N LYS B 137 11.43 -14.43 -5.33
CA LYS B 137 12.09 -13.18 -5.82
C LYS B 137 11.37 -11.93 -5.41
N PRO B 138 11.52 -11.61 -4.02
CA PRO B 138 10.95 -10.34 -3.54
C PRO B 138 11.48 -9.13 -4.31
N GLN B 139 10.74 -8.04 -4.33
CA GLN B 139 11.04 -6.95 -5.17
C GLN B 139 12.55 -6.53 -4.93
N VAL B 140 13.37 -6.55 -5.98
CA VAL B 140 14.76 -6.11 -5.93
C VAL B 140 14.86 -4.71 -5.24
N ALA B 141 13.95 -3.79 -5.55
CA ALA B 141 14.13 -2.43 -5.03
C ALA B 141 13.70 -2.28 -3.56
N TYR B 142 13.28 -3.38 -2.95
CA TYR B 142 13.09 -3.40 -1.54
C TYR B 142 14.35 -3.81 -0.83
N ASP B 143 15.41 -4.17 -1.57
CA ASP B 143 16.75 -4.48 -1.01
C ASP B 143 17.76 -3.54 -1.60
N PHE B 144 18.15 -2.52 -0.83
CA PHE B 144 18.86 -1.39 -1.42
C PHE B 144 20.26 -1.73 -1.81
N GLU B 145 20.83 -2.75 -1.20
CA GLU B 145 22.14 -3.24 -1.64
C GLU B 145 22.05 -3.93 -3.00
N ALA B 146 21.03 -4.80 -3.17
CA ALA B 146 20.78 -5.45 -4.45
C ALA B 146 20.48 -4.39 -5.50
N MET B 147 19.67 -3.37 -5.14
CA MET B 147 19.31 -2.37 -6.09
C MET B 147 20.59 -1.67 -6.59
N ARG B 148 21.51 -1.34 -5.66
CA ARG B 148 22.72 -0.66 -6.05
C ARG B 148 23.56 -1.53 -7.01
N THR B 149 23.65 -2.82 -6.70
CA THR B 149 24.35 -3.83 -7.55
C THR B 149 23.78 -3.84 -8.95
N TYR B 150 22.45 -3.96 -9.05
CA TYR B 150 21.78 -4.05 -10.36
C TYR B 150 22.09 -2.80 -11.16
N LEU B 151 22.01 -1.61 -10.54
CA LEU B 151 22.18 -0.38 -11.28
C LEU B 151 23.63 -0.14 -11.68
N GLN B 152 24.57 -0.55 -10.81
CA GLN B 152 26.02 -0.51 -11.17
C GLN B 152 26.29 -1.34 -12.46
N GLN B 153 25.89 -2.59 -12.38
CA GLN B 153 26.12 -3.60 -13.47
C GLN B 153 25.43 -3.22 -14.76
N VAL B 154 24.18 -2.77 -14.66
CA VAL B 154 23.49 -2.32 -15.86
C VAL B 154 24.04 -1.01 -16.40
N SER B 155 24.36 -0.05 -15.54
CA SER B 155 25.00 1.17 -16.06
C SER B 155 26.30 0.86 -16.87
N LEU B 156 27.10 -0.01 -16.30
CA LEU B 156 28.41 -0.38 -16.86
C LEU B 156 28.22 -1.09 -18.22
N ALA B 157 27.35 -2.10 -18.19
CA ALA B 157 27.06 -2.94 -19.36
C ALA B 157 26.31 -2.24 -20.46
N TYR B 158 25.49 -1.24 -20.12
CA TYR B 158 24.63 -0.60 -21.12
C TYR B 158 25.19 0.72 -21.59
N GLY B 159 25.63 1.53 -20.61
CA GLY B 159 26.27 2.79 -20.90
C GLY B 159 25.46 3.82 -21.64
N LEU B 160 24.14 3.66 -21.71
CA LEU B 160 23.26 4.70 -22.29
C LEU B 160 22.19 5.13 -21.26
N PRO B 161 21.53 6.27 -21.48
CA PRO B 161 20.40 6.69 -20.63
C PRO B 161 19.29 5.63 -20.53
N PHE B 162 18.82 5.38 -19.32
CA PHE B 162 17.71 4.47 -19.14
C PHE B 162 16.84 4.94 -17.97
N GLY B 163 15.78 4.21 -17.73
CA GLY B 163 14.88 4.52 -16.61
C GLY B 163 14.66 3.30 -15.80
N VAL B 164 14.03 3.48 -14.67
CA VAL B 164 13.78 2.35 -13.80
C VAL B 164 12.32 2.35 -13.32
N LYS B 165 11.72 1.18 -13.24
CA LYS B 165 10.34 1.03 -12.73
C LYS B 165 10.46 0.61 -11.25
N MET B 166 9.96 1.49 -10.38
CA MET B 166 10.07 1.35 -8.94
C MET B 166 8.82 0.76 -8.28
N PRO B 167 9.01 -0.02 -7.20
CA PRO B 167 7.82 -0.34 -6.43
C PRO B 167 7.39 0.85 -5.57
N PRO B 168 6.20 0.78 -4.97
CA PRO B 168 5.80 1.84 -4.09
C PRO B 168 6.48 1.69 -2.71
N TYR B 169 6.86 2.78 -2.07
CA TYR B 169 7.31 2.74 -0.69
C TYR B 169 6.28 3.43 0.17
N PHE B 170 6.37 3.18 1.44
CA PHE B 170 5.39 3.57 2.41
C PHE B 170 5.98 4.24 3.65
N ASP B 171 7.25 4.61 3.55
CA ASP B 171 8.06 5.04 4.72
C ASP B 171 9.07 6.09 4.24
N ILE B 172 9.14 7.18 4.94
CA ILE B 172 9.93 8.36 4.56
C ILE B 172 11.41 7.99 4.46
N ALA B 173 11.88 7.21 5.42
CA ALA B 173 13.29 6.69 5.38
C ALA B 173 13.63 5.92 4.08
N HIS B 174 12.70 5.05 3.65
CA HIS B 174 12.84 4.34 2.37
C HIS B 174 12.79 5.26 1.18
N PHE B 175 11.91 6.25 1.17
CA PHE B 175 12.00 7.24 0.07
C PHE B 175 13.41 7.87 0.04
N ASP B 176 13.92 8.26 1.21
CA ASP B 176 15.22 8.96 1.32
C ASP B 176 16.38 8.09 0.79
N THR B 177 16.45 6.86 1.25
CA THR B 177 17.47 5.89 0.79
C THR B 177 17.34 5.51 -0.67
N ALA B 178 16.13 5.19 -1.14
CA ALA B 178 15.94 4.82 -2.53
C ALA B 178 16.33 5.94 -3.48
N ALA B 179 15.91 7.19 -3.22
CA ALA B 179 16.26 8.30 -4.16
C ALA B 179 17.76 8.53 -4.22
N ALA B 180 18.37 8.43 -3.05
CA ALA B 180 19.82 8.49 -2.88
C ALA B 180 20.57 7.41 -3.70
N VAL B 181 20.12 6.17 -3.65
CA VAL B 181 20.69 5.18 -4.58
C VAL B 181 20.57 5.63 -6.02
N LEU B 182 19.36 5.99 -6.46
CA LEU B 182 19.12 6.35 -7.81
C LEU B 182 19.98 7.51 -8.18
N ASN B 183 20.13 8.47 -7.26
CA ASN B 183 20.96 9.64 -7.55
C ASN B 183 22.48 9.33 -7.69
N GLU B 184 22.96 8.14 -7.29
CA GLU B 184 24.32 7.76 -7.60
C GLU B 184 24.51 7.40 -9.07
N PHE B 185 23.44 7.28 -9.89
CA PHE B 185 23.57 6.75 -11.21
C PHE B 185 23.11 7.75 -12.19
N PRO B 186 24.06 8.47 -12.78
CA PRO B 186 23.75 9.47 -13.73
C PRO B 186 23.08 9.00 -15.03
N LEU B 187 23.20 7.75 -15.37
CA LEU B 187 22.51 7.26 -16.59
C LEU B 187 21.02 7.01 -16.36
N VAL B 188 20.60 6.91 -15.10
CA VAL B 188 19.17 6.79 -14.80
C VAL B 188 18.52 8.14 -14.96
N LYS B 189 17.86 8.33 -16.09
CA LYS B 189 17.32 9.60 -16.49
C LYS B 189 15.84 9.77 -16.14
N PHE B 190 15.17 8.66 -15.86
CA PHE B 190 13.78 8.69 -15.47
C PHE B 190 13.48 7.61 -14.49
N VAL B 191 12.49 7.90 -13.65
CA VAL B 191 12.06 6.96 -12.59
C VAL B 191 10.56 6.82 -12.71
N THR B 192 10.09 5.59 -12.91
CA THR B 192 8.69 5.37 -13.11
C THR B 192 8.04 4.89 -11.77
N CYS B 193 7.11 5.69 -11.26
CA CYS B 193 6.54 5.42 -9.94
C CYS B 193 5.04 5.33 -10.16
N VAL B 194 4.38 4.19 -9.93
CA VAL B 194 4.84 2.99 -9.30
C VAL B 194 4.37 1.72 -10.01
N ASN B 195 5.07 0.64 -9.68
CA ASN B 195 4.60 -0.73 -9.94
C ASN B 195 3.42 -1.02 -8.99
N SER B 196 2.81 -2.19 -9.14
CA SER B 196 1.64 -2.50 -8.34
C SER B 196 1.96 -2.58 -6.88
N VAL B 197 0.96 -2.33 -6.04
CA VAL B 197 1.08 -2.47 -4.60
C VAL B 197 1.03 -3.96 -4.27
N GLY B 198 2.14 -4.48 -3.80
CA GLY B 198 2.42 -5.89 -3.83
C GLY B 198 1.66 -6.67 -2.80
N ASN B 199 1.32 -7.89 -3.16
CA ASN B 199 0.78 -8.89 -2.28
C ASN B 199 -0.42 -8.46 -1.49
N GLY B 200 -1.38 -7.84 -2.19
CA GLY B 200 -2.72 -7.75 -1.68
C GLY B 200 -3.48 -9.06 -1.87
N LEU B 201 -4.66 -9.14 -1.27
CA LEU B 201 -5.49 -10.36 -1.27
C LEU B 201 -6.94 -9.99 -1.47
N VAL B 202 -7.49 -10.26 -2.67
CA VAL B 202 -8.94 -10.09 -2.91
C VAL B 202 -9.67 -11.42 -2.64
N ILE B 203 -10.75 -11.29 -1.87
CA ILE B 203 -11.54 -12.45 -1.46
C ILE B 203 -12.99 -12.23 -1.89
N ASP B 204 -13.57 -13.19 -2.59
CA ASP B 204 -14.96 -13.13 -2.98
C ASP B 204 -15.88 -13.69 -1.84
N ALA B 205 -16.82 -12.86 -1.33
CA ALA B 205 -17.64 -13.22 -0.17
C ALA B 205 -18.59 -14.36 -0.48
N GLU B 206 -19.17 -14.32 -1.68
CA GLU B 206 -20.09 -15.41 -2.03
C GLU B 206 -19.45 -16.81 -2.07
N SER B 207 -18.28 -16.95 -2.74
CA SER B 207 -17.63 -18.24 -2.93
C SER B 207 -16.62 -18.54 -1.79
N GLU B 208 -16.37 -17.55 -0.94
CA GLU B 208 -15.48 -17.64 0.18
C GLU B 208 -14.10 -17.96 -0.33
N SER B 209 -13.78 -17.47 -1.52
CA SER B 209 -12.59 -17.86 -2.19
C SER B 209 -11.74 -16.66 -2.64
N VAL B 210 -10.43 -16.85 -2.67
CA VAL B 210 -9.57 -15.90 -3.31
C VAL B 210 -9.93 -15.98 -4.80
N VAL B 211 -9.53 -14.98 -5.57
CA VAL B 211 -10.03 -14.83 -6.97
C VAL B 211 -8.93 -15.04 -8.03
N ILE B 212 -7.68 -15.15 -7.61
CA ILE B 212 -6.62 -15.59 -8.49
C ILE B 212 -6.00 -16.84 -7.93
N LYS B 213 -5.49 -17.66 -8.85
CA LYS B 213 -4.93 -18.98 -8.55
C LYS B 213 -3.51 -19.01 -7.99
N PRO B 214 -2.56 -18.28 -8.60
CA PRO B 214 -1.16 -18.35 -8.10
C PRO B 214 -1.02 -17.79 -6.69
N LYS B 215 0.04 -18.25 -6.00
CA LYS B 215 0.43 -17.70 -4.69
C LYS B 215 -0.71 -17.62 -3.70
N GLN B 216 -1.60 -18.60 -3.72
CA GLN B 216 -2.69 -18.63 -2.74
C GLN B 216 -3.57 -17.39 -2.78
N GLY B 217 -3.62 -16.75 -3.96
CA GLY B 217 -4.51 -15.61 -4.21
C GLY B 217 -3.87 -14.28 -3.98
N PHE B 218 -2.59 -14.25 -3.57
CA PHE B 218 -1.88 -13.00 -3.29
C PHE B 218 -1.36 -12.38 -4.61
N GLY B 219 -1.47 -11.07 -4.82
CA GLY B 219 -1.13 -10.45 -6.11
C GLY B 219 -0.99 -8.95 -5.99
N GLY B 220 -0.42 -8.35 -7.00
CA GLY B 220 -0.24 -6.92 -7.04
C GLY B 220 -1.52 -6.17 -7.35
N LEU B 221 -1.74 -5.08 -6.62
CA LEU B 221 -2.93 -4.24 -6.77
C LEU B 221 -2.64 -3.06 -7.67
N GLY B 222 -3.55 -2.80 -8.60
CA GLY B 222 -3.63 -1.55 -9.29
C GLY B 222 -5.02 -0.89 -9.24
N GLY B 223 -5.12 0.30 -9.80
CA GLY B 223 -6.37 0.95 -9.99
C GLY B 223 -6.66 1.94 -8.88
N LYS B 224 -7.95 2.13 -8.59
CA LYS B 224 -8.34 3.15 -7.66
C LYS B 224 -7.76 2.97 -6.29
N TYR B 225 -7.56 1.71 -5.88
CA TYR B 225 -6.97 1.45 -4.59
C TYR B 225 -5.66 2.20 -4.35
N ILE B 226 -4.87 2.42 -5.40
CA ILE B 226 -3.50 2.85 -5.28
C ILE B 226 -3.19 4.29 -5.65
N LEU B 227 -4.17 5.09 -6.04
CA LEU B 227 -3.83 6.47 -6.52
C LEU B 227 -3.05 7.29 -5.51
N PRO B 228 -3.54 7.44 -4.31
CA PRO B 228 -2.78 8.25 -3.36
C PRO B 228 -1.38 7.72 -3.04
N THR B 229 -1.21 6.38 -3.01
CA THR B 229 0.13 5.76 -2.97
C THR B 229 0.97 6.16 -4.11
N ALA B 230 0.39 6.11 -5.32
CA ALA B 230 1.13 6.47 -6.50
C ALA B 230 1.53 7.98 -6.49
N LEU B 231 0.59 8.84 -6.16
CA LEU B 231 0.88 10.27 -6.10
C LEU B 231 1.97 10.56 -5.09
N ALA B 232 1.97 9.86 -3.97
CA ALA B 232 3.01 10.08 -2.95
C ALA B 232 4.38 9.73 -3.45
N ASN B 233 4.46 8.63 -4.19
CA ASN B 233 5.76 8.15 -4.65
C ASN B 233 6.25 9.02 -5.75
N VAL B 234 5.36 9.44 -6.67
CA VAL B 234 5.75 10.41 -7.73
C VAL B 234 6.35 11.66 -7.09
N ASN B 235 5.62 12.31 -6.22
CA ASN B 235 6.09 13.54 -5.63
C ASN B 235 7.35 13.35 -4.77
N ALA B 236 7.42 12.26 -4.03
CA ALA B 236 8.55 11.95 -3.17
C ALA B 236 9.83 11.89 -3.99
N PHE B 237 9.76 11.22 -5.14
CA PHE B 237 10.92 11.13 -6.01
C PHE B 237 11.13 12.38 -6.81
N TYR B 238 10.07 13.08 -7.15
CA TYR B 238 10.20 14.33 -7.86
C TYR B 238 10.96 15.30 -6.99
N ARG B 239 10.65 15.30 -5.68
CA ARG B 239 11.34 16.27 -4.82
C ARG B 239 12.76 15.75 -4.54
N ARG B 240 12.96 14.44 -4.48
CA ARG B 240 14.26 13.93 -4.10
C ARG B 240 15.27 13.77 -5.27
N CYS B 241 14.79 13.76 -6.51
CA CYS B 241 15.62 13.57 -7.68
C CYS B 241 15.46 14.72 -8.63
N PRO B 242 15.94 15.90 -8.23
CA PRO B 242 15.71 17.06 -9.07
C PRO B 242 16.42 17.01 -10.44
N ASP B 243 17.46 16.22 -10.61
CA ASP B 243 18.06 16.09 -11.95
C ASP B 243 17.50 14.97 -12.79
N LYS B 244 16.42 14.30 -12.37
CA LYS B 244 15.83 13.21 -13.16
C LYS B 244 14.38 13.52 -13.52
N LEU B 245 13.86 12.78 -14.48
CA LEU B 245 12.43 12.83 -14.78
C LEU B 245 11.71 11.80 -13.96
N VAL B 246 10.43 12.05 -13.64
CA VAL B 246 9.59 11.06 -12.94
C VAL B 246 8.40 10.80 -13.86
N PHE B 247 8.16 9.52 -14.17
CA PHE B 247 6.95 9.13 -14.89
C PHE B 247 5.97 8.61 -13.83
N GLY B 248 4.71 9.06 -13.93
CA GLY B 248 3.65 8.56 -13.04
C GLY B 248 2.92 7.34 -13.52
N CYS B 249 2.63 6.42 -12.59
CA CYS B 249 1.81 5.26 -12.89
C CYS B 249 1.11 4.83 -11.63
N GLY B 250 -0.21 4.66 -11.74
CA GLY B 250 -1.04 4.07 -10.66
C GLY B 250 -2.33 4.86 -10.55
N GLY B 251 -3.43 4.16 -10.72
CA GLY B 251 -4.69 4.82 -10.45
C GLY B 251 -5.24 5.81 -11.44
N VAL B 252 -4.71 5.87 -12.67
CA VAL B 252 -5.20 6.81 -13.67
C VAL B 252 -6.41 6.21 -14.43
N TYR B 253 -7.56 6.82 -14.23
CA TYR B 253 -8.78 6.53 -14.95
C TYR B 253 -9.32 7.77 -15.67
N SER B 254 -8.86 8.98 -15.34
CA SER B 254 -9.47 10.17 -15.91
C SER B 254 -8.41 11.23 -16.18
N GLY B 255 -8.76 12.26 -16.94
CA GLY B 255 -7.91 13.40 -17.07
C GLY B 255 -7.54 14.02 -15.72
N GLU B 256 -8.52 14.07 -14.83
CA GLU B 256 -8.25 14.60 -13.50
C GLU B 256 -7.17 13.80 -12.77
N ASP B 257 -7.22 12.46 -12.80
CA ASP B 257 -6.16 11.67 -12.14
C ASP B 257 -4.77 12.03 -12.76
N ALA B 258 -4.73 12.17 -14.08
CA ALA B 258 -3.50 12.54 -14.80
C ALA B 258 -3.01 13.92 -14.40
N PHE B 259 -3.94 14.83 -14.28
CA PHE B 259 -3.67 16.18 -13.75
C PHE B 259 -2.99 16.13 -12.39
N LEU B 260 -3.49 15.30 -11.48
CA LEU B 260 -2.92 15.18 -10.15
C LEU B 260 -1.54 14.61 -10.24
N HIS B 261 -1.35 13.56 -11.07
CA HIS B 261 -0.04 13.01 -11.26
C HIS B 261 0.96 14.07 -11.67
N ILE B 262 0.53 14.91 -12.64
CA ILE B 262 1.39 15.92 -13.24
C ILE B 262 1.73 16.99 -12.23
N LEU B 263 0.72 17.44 -11.48
CA LEU B 263 0.93 18.34 -10.34
C LEU B 263 1.96 17.81 -9.38
N ALA B 264 1.91 16.53 -9.16
CA ALA B 264 2.79 15.81 -8.28
C ALA B 264 4.26 15.76 -8.80
N GLY B 265 4.41 15.96 -10.08
CA GLY B 265 5.69 16.05 -10.77
C GLY B 265 5.89 15.16 -11.99
N ALA B 266 4.88 14.37 -12.35
CA ALA B 266 5.00 13.46 -13.45
C ALA B 266 5.24 14.10 -14.81
N SER B 267 6.03 13.43 -15.57
CA SER B 267 6.25 13.82 -16.96
C SER B 267 5.33 12.98 -17.85
N MET B 268 5.71 11.78 -18.17
CA MET B 268 4.81 10.82 -18.77
C MET B 268 3.80 10.28 -17.71
N VAL B 269 2.62 9.91 -18.18
CA VAL B 269 1.64 9.33 -17.34
C VAL B 269 1.21 7.98 -17.93
N GLN B 270 1.42 6.94 -17.17
CA GLN B 270 1.12 5.61 -17.64
C GLN B 270 -0.25 5.12 -17.04
N VAL B 271 -0.94 4.31 -17.86
CA VAL B 271 -2.25 3.79 -17.62
C VAL B 271 -2.23 2.25 -17.69
N GLY B 272 -2.47 1.63 -16.57
CA GLY B 272 -2.53 0.17 -16.50
C GLY B 272 -3.93 -0.40 -16.44
N THR B 273 -4.44 -0.60 -15.22
CA THR B 273 -5.74 -1.24 -15.00
C THR B 273 -6.83 -0.59 -15.86
N ALA B 274 -6.88 0.72 -15.89
CA ALA B 274 -8.00 1.35 -16.59
C ALA B 274 -7.94 1.00 -18.08
N LEU B 275 -6.72 0.84 -18.61
CA LEU B 275 -6.48 0.59 -20.03
C LEU B 275 -6.84 -0.87 -20.29
N GLN B 276 -6.47 -1.73 -19.37
CA GLN B 276 -6.90 -3.13 -19.43
C GLN B 276 -8.43 -3.25 -19.49
N GLU B 277 -9.14 -2.45 -18.71
CA GLU B 277 -10.60 -2.60 -18.62
C GLU B 277 -11.33 -1.87 -19.74
N GLU B 278 -10.84 -0.70 -20.14
CA GLU B 278 -11.53 0.13 -21.08
C GLU B 278 -11.03 -0.01 -22.53
N GLY B 279 -9.78 -0.41 -22.73
CA GLY B 279 -9.27 -0.54 -24.10
C GLY B 279 -8.66 0.80 -24.55
N PRO B 280 -7.96 0.79 -25.69
CA PRO B 280 -7.11 1.90 -26.11
C PRO B 280 -7.86 3.15 -26.46
N GLY B 281 -9.20 3.07 -26.54
CA GLY B 281 -10.00 4.31 -26.65
C GLY B 281 -9.88 5.25 -25.47
N ILE B 282 -9.40 4.73 -24.35
CA ILE B 282 -9.18 5.54 -23.15
C ILE B 282 -8.29 6.74 -23.45
N PHE B 283 -7.34 6.58 -24.37
CA PHE B 283 -6.39 7.64 -24.63
C PHE B 283 -6.98 8.91 -25.21
N THR B 284 -7.98 8.84 -26.09
CA THR B 284 -8.59 10.04 -26.57
C THR B 284 -9.41 10.70 -25.45
N ARG B 285 -10.02 9.92 -24.58
CA ARG B 285 -10.83 10.47 -23.53
C ARG B 285 -9.99 11.20 -22.49
N LEU B 286 -8.89 10.57 -22.09
CA LEU B 286 -7.98 11.16 -21.12
C LEU B 286 -7.40 12.47 -21.65
N GLU B 287 -6.99 12.46 -22.90
CA GLU B 287 -6.54 13.72 -23.60
C GLU B 287 -7.56 14.86 -23.54
N ASP B 288 -8.81 14.55 -23.92
CA ASP B 288 -9.87 15.53 -23.87
C ASP B 288 -10.13 16.05 -22.47
N GLU B 289 -10.16 15.12 -21.52
CA GLU B 289 -10.45 15.50 -20.15
C GLU B 289 -9.33 16.32 -19.52
N LEU B 290 -8.09 15.96 -19.82
CA LEU B 290 -6.97 16.80 -19.33
C LEU B 290 -6.98 18.21 -19.95
N LEU B 291 -7.28 18.28 -21.25
CA LEU B 291 -7.36 19.57 -21.93
C LEU B 291 -8.50 20.40 -21.38
N GLU B 292 -9.62 19.80 -21.01
CA GLU B 292 -10.72 20.51 -20.42
C GLU B 292 -10.34 21.17 -19.07
N ILE B 293 -9.61 20.41 -18.27
CA ILE B 293 -9.16 20.89 -16.98
C ILE B 293 -8.19 22.04 -17.23
N MET B 294 -7.23 21.85 -18.09
CA MET B 294 -6.26 22.95 -18.38
C MET B 294 -6.99 24.19 -18.87
N ALA B 295 -7.96 24.04 -19.77
CA ALA B 295 -8.62 25.23 -20.33
C ALA B 295 -9.36 25.98 -19.24
N ARG B 296 -10.04 25.26 -18.39
CA ARG B 296 -10.75 25.86 -17.30
C ARG B 296 -9.82 26.62 -16.32
N LYS B 297 -8.60 26.15 -16.14
CA LYS B 297 -7.66 26.77 -15.22
C LYS B 297 -6.73 27.78 -15.89
N GLY B 298 -6.85 27.97 -17.19
CA GLY B 298 -5.93 28.82 -17.88
C GLY B 298 -4.56 28.25 -18.14
N TYR B 299 -4.34 26.92 -18.03
CA TYR B 299 -3.00 26.35 -18.29
C TYR B 299 -2.83 26.03 -19.76
N ARG B 300 -1.82 26.58 -20.41
CA ARG B 300 -1.65 26.35 -21.85
C ARG B 300 -0.68 25.21 -22.18
N THR B 301 0.21 24.87 -21.23
CA THR B 301 1.14 23.80 -21.35
C THR B 301 1.26 22.99 -20.06
N LEU B 302 1.78 21.78 -20.23
CA LEU B 302 2.02 20.87 -19.08
C LEU B 302 3.04 21.42 -18.11
N GLU B 303 4.09 22.04 -18.63
CA GLU B 303 5.13 22.54 -17.76
C GLU B 303 4.69 23.74 -16.95
N GLU B 304 3.52 24.35 -17.26
CA GLU B 304 3.01 25.44 -16.38
C GLU B 304 2.54 24.93 -15.02
N PHE B 305 2.12 23.67 -14.92
CA PHE B 305 1.74 23.09 -13.60
C PHE B 305 2.53 21.87 -13.16
N ARG B 306 3.39 21.31 -14.00
CA ARG B 306 4.09 20.11 -13.56
C ARG B 306 4.88 20.38 -12.26
N GLY B 307 4.64 19.56 -11.27
CA GLY B 307 5.33 19.63 -10.02
C GLY B 307 4.87 20.77 -9.13
N ARG B 308 3.78 21.46 -9.45
CA ARG B 308 3.41 22.68 -8.70
C ARG B 308 2.35 22.45 -7.62
N VAL B 309 2.22 21.22 -7.19
CA VAL B 309 1.34 20.90 -6.07
C VAL B 309 1.64 21.80 -4.86
N LYS B 310 0.59 22.33 -4.25
CA LYS B 310 0.77 23.27 -3.13
C LYS B 310 0.69 22.52 -1.84
N THR B 311 1.53 22.90 -0.89
CA THR B 311 1.41 22.40 0.44
C THR B 311 0.84 23.54 1.27
N ILE B 312 0.42 23.24 2.47
CA ILE B 312 -0.31 24.20 3.34
C ILE B 312 0.69 24.76 4.36
N GLU B 313 0.85 26.08 4.31
CA GLU B 313 1.47 26.95 5.31
C GLU B 313 2.96 27.18 5.11
#